data_1YI0
#
_entry.id   1YI0
#
_cell.length_a   178.444
_cell.length_b   178.444
_cell.length_c   185.238
_cell.angle_alpha   90.00
_cell.angle_beta   90.00
_cell.angle_gamma   120.00
#
_symmetry.space_group_name_H-M   'P 64 2 2'
#
loop_
_entity.id
_entity.type
_entity.pdbx_description
1 polymer 'Acetolactate synthase'
2 non-polymer 'MAGNESIUM ION'
3 non-polymer 'METHYL 2-[({[(4,6-DIMETHYLPYRIMIDIN-2-YL)AMINO]CARBONYL}AMINO)SULFONYL]BENZOATE'
4 non-polymer '2-[N-CYCLOHEXYLAMINO]ETHANE SULFONIC ACID'
5 non-polymer 'ETHYL DIHYDROGEN DIPHOSPHATE'
6 non-polymer 'FLAVIN-ADENINE DINUCLEOTIDE'
7 water water
#
_entity_poly.entity_id   1
_entity_poly.type   'polypeptide(L)'
_entity_poly.pdbx_seq_one_letter_code
;TFISRFAPDQPRKGADILVEALERQGVETVFAYPGGASMEIHQALTRSSSIRNVLPRHEQGGVFAAEGYARSSGKPGICI
ATSGPGATNLVSGLADALLDSVPLVAITGQVPRRMIGTDAFQETPIVEVTRSITKHNYLVMDVEDIPRIIEEAFFLATSG
RPGPVLVDVPKDIQQQLAIPNWEQAMRLPGYMSRMPKPPEDSHLEQIVRLISESKKPVLYVGGGCLNSSDELGRFVELTG
IPVASTLMGLGSYP(CSD)DDELSLHMLGMHGTVYANYAVEHSDLLLAFGVRFDDRVTGKLEAFASRAKIVHIDIDSAEI
GKNKTPHVSVCGDVKLALQGMNKVLENRAEELKLDFGVWRNELNVQKQKFPLSFKTFGEAIPPQYAIKVLDELTDGKAII
STGVGQHQMWAAQFYNYKKPRQWLSSGGLGAMGFGLPAAIGASVANPDAIVVDIDGDGSFIMNVQELATIRVENLPVKVL
LLNNQHLGMVMQWEDRFYKANRAHTFLGDPAQEDEIFPNMLLFAAACGIPAARVTKKADLREAIQTMLDTPGPYLLDVIC
PHQEHVLPMIPSGGTFNDVITEGDGRLEHHHHHH
;
_entity_poly.pdbx_strand_id   A
#
loop_
_chem_comp.id
_chem_comp.type
_chem_comp.name
_chem_comp.formula
1SM non-polymer 'METHYL 2-[({[(4,6-DIMETHYLPYRIMIDIN-2-YL)AMINO]CARBONYL}AMINO)SULFONYL]BENZOATE' 'C15 H16 N4 O5 S'
FAD non-polymer 'FLAVIN-ADENINE DINUCLEOTIDE' 'C27 H33 N9 O15 P2'
MG non-polymer 'MAGNESIUM ION' 'Mg 2'
NHE non-polymer '2-[N-CYCLOHEXYLAMINO]ETHANE SULFONIC ACID' 'C8 H17 N O3 S'
P22 non-polymer 'ETHYL DIHYDROGEN DIPHOSPHATE' 'C2 H8 O7 P2'
#
# COMPACT_ATOMS: atom_id res chain seq x y z
N THR A 1 23.31 -20.52 -16.26
CA THR A 1 23.37 -19.87 -14.91
C THR A 1 22.38 -20.53 -13.95
N PHE A 2 21.13 -20.68 -14.40
CA PHE A 2 20.09 -21.29 -13.58
C PHE A 2 20.21 -22.81 -13.58
N ILE A 3 20.36 -23.39 -12.40
CA ILE A 3 20.45 -24.84 -12.27
C ILE A 3 19.07 -25.40 -11.96
N SER A 4 18.51 -26.14 -12.90
CA SER A 4 17.19 -26.75 -12.73
C SER A 4 17.28 -27.91 -11.74
N ARG A 5 16.28 -28.78 -11.73
CA ARG A 5 16.26 -29.93 -10.84
C ARG A 5 15.80 -31.14 -11.64
N PHE A 6 15.61 -30.93 -12.94
CA PHE A 6 15.18 -31.98 -13.85
C PHE A 6 16.09 -31.96 -15.08
N ALA A 7 16.30 -33.14 -15.67
CA ALA A 7 17.13 -33.25 -16.86
C ALA A 7 16.41 -32.52 -17.98
N PRO A 8 17.12 -31.68 -18.74
CA PRO A 8 16.55 -30.91 -19.86
C PRO A 8 15.71 -31.74 -20.84
N ASP A 9 15.90 -33.05 -20.78
CA ASP A 9 15.17 -33.96 -21.66
C ASP A 9 14.11 -34.72 -20.88
N GLN A 10 14.19 -34.64 -19.56
CA GLN A 10 13.24 -35.33 -18.70
C GLN A 10 11.93 -34.59 -18.49
N PRO A 11 10.81 -35.26 -18.79
CA PRO A 11 9.51 -34.61 -18.63
C PRO A 11 9.11 -34.59 -17.16
N ARG A 12 8.43 -33.52 -16.75
CA ARG A 12 7.96 -33.41 -15.37
C ARG A 12 6.54 -32.88 -15.40
N LYS A 13 5.87 -32.92 -14.26
CA LYS A 13 4.51 -32.45 -14.16
C LYS A 13 4.39 -30.95 -14.40
N GLY A 14 3.25 -30.53 -14.95
CA GLY A 14 3.02 -29.12 -15.23
C GLY A 14 3.21 -28.33 -13.95
N ALA A 15 2.82 -28.94 -12.83
CA ALA A 15 2.96 -28.29 -11.53
C ALA A 15 4.43 -27.98 -11.27
N ASP A 16 5.31 -28.94 -11.55
CA ASP A 16 6.74 -28.76 -11.36
C ASP A 16 7.28 -27.70 -12.30
N ILE A 17 6.71 -27.61 -13.48
CA ILE A 17 7.14 -26.60 -14.45
C ILE A 17 6.73 -25.22 -13.93
N LEU A 18 5.53 -25.14 -13.37
CA LEU A 18 5.00 -23.90 -12.81
C LEU A 18 5.92 -23.40 -11.69
N VAL A 19 6.37 -24.32 -10.83
CA VAL A 19 7.24 -23.93 -9.73
C VAL A 19 8.63 -23.46 -10.22
N GLU A 20 9.22 -24.18 -11.18
CA GLU A 20 10.52 -23.76 -11.71
C GLU A 20 10.36 -22.41 -12.40
N ALA A 21 9.20 -22.22 -13.03
CA ALA A 21 8.91 -20.96 -13.70
C ALA A 21 9.02 -19.82 -12.68
N LEU A 22 8.61 -20.12 -11.45
CA LEU A 22 8.67 -19.15 -10.36
C LEU A 22 10.11 -18.97 -9.90
N GLU A 23 10.82 -20.08 -9.74
CA GLU A 23 12.22 -20.04 -9.30
C GLU A 23 13.04 -19.26 -10.31
N ARG A 24 12.72 -19.43 -11.59
CA ARG A 24 13.42 -18.73 -12.66
C ARG A 24 13.08 -17.25 -12.68
N GLN A 25 12.00 -16.89 -12.01
CA GLN A 25 11.60 -15.49 -11.94
C GLN A 25 12.25 -14.83 -10.72
N GLY A 26 12.90 -15.65 -9.90
CA GLY A 26 13.56 -15.15 -8.72
C GLY A 26 12.70 -15.19 -7.48
N VAL A 27 11.56 -15.87 -7.56
CA VAL A 27 10.65 -15.98 -6.42
C VAL A 27 11.27 -16.80 -5.30
N GLU A 28 11.14 -16.31 -4.07
CA GLU A 28 11.68 -17.01 -2.90
C GLU A 28 10.59 -17.29 -1.88
N THR A 29 9.53 -16.49 -1.93
CA THR A 29 8.42 -16.64 -1.00
C THR A 29 7.08 -16.61 -1.70
N VAL A 30 6.18 -17.46 -1.25
CA VAL A 30 4.83 -17.50 -1.79
C VAL A 30 3.93 -17.70 -0.58
N PHE A 31 2.69 -17.25 -0.67
CA PHE A 31 1.73 -17.42 0.41
C PHE A 31 0.63 -18.28 -0.18
N ALA A 32 0.71 -19.57 0.10
CA ALA A 32 -0.23 -20.52 -0.45
C ALA A 32 -1.00 -21.36 0.56
N TYR A 33 -2.28 -21.50 0.30
CA TYR A 33 -3.16 -22.29 1.15
C TYR A 33 -3.66 -23.45 0.29
N PRO A 34 -3.30 -24.69 0.67
CA PRO A 34 -3.69 -25.89 -0.06
C PRO A 34 -5.17 -26.20 -0.17
N GLY A 35 -5.56 -26.75 -1.32
CA GLY A 35 -6.93 -27.12 -1.59
C GLY A 35 -6.90 -28.22 -2.65
N GLY A 36 -8.03 -28.89 -2.85
CA GLY A 36 -8.09 -29.97 -3.82
C GLY A 36 -7.50 -29.66 -5.19
N ALA A 37 -8.02 -28.62 -5.83
CA ALA A 37 -7.55 -28.24 -7.16
C ALA A 37 -6.08 -27.79 -7.23
N SER A 38 -5.44 -27.58 -6.09
CA SER A 38 -4.05 -27.13 -6.11
C SER A 38 -3.04 -28.05 -5.40
N MET A 39 -3.47 -29.26 -5.04
CA MET A 39 -2.57 -30.18 -4.35
C MET A 39 -1.26 -30.41 -5.08
N GLU A 40 -1.35 -30.64 -6.38
CA GLU A 40 -0.16 -30.86 -7.20
C GLU A 40 0.85 -29.73 -7.03
N ILE A 41 0.37 -28.49 -7.11
CA ILE A 41 1.23 -27.34 -6.96
C ILE A 41 1.94 -27.34 -5.61
N HIS A 42 1.18 -27.64 -4.54
CA HIS A 42 1.77 -27.68 -3.20
C HIS A 42 2.81 -28.79 -3.08
N GLN A 43 2.56 -29.92 -3.75
CA GLN A 43 3.51 -31.01 -3.74
C GLN A 43 4.80 -30.56 -4.45
N ALA A 44 4.65 -29.93 -5.61
CA ALA A 44 5.80 -29.45 -6.38
C ALA A 44 6.56 -28.44 -5.55
N LEU A 45 5.84 -27.69 -4.74
CA LEU A 45 6.42 -26.67 -3.88
C LEU A 45 7.39 -27.27 -2.86
N THR A 46 7.01 -28.40 -2.27
CA THR A 46 7.86 -29.04 -1.28
C THR A 46 9.15 -29.58 -1.89
N ARG A 47 9.16 -29.77 -3.21
CA ARG A 47 10.35 -30.26 -3.89
C ARG A 47 11.32 -29.12 -4.10
N SER A 48 10.81 -27.89 -4.09
CA SER A 48 11.67 -26.73 -4.28
C SER A 48 12.47 -26.51 -3.02
N SER A 49 13.69 -26.00 -3.18
CA SER A 49 14.53 -25.73 -2.02
C SER A 49 14.82 -24.24 -1.89
N SER A 50 14.47 -23.48 -2.92
CA SER A 50 14.70 -22.05 -2.89
C SER A 50 13.46 -21.25 -2.52
N ILE A 51 12.28 -21.83 -2.69
CA ILE A 51 11.05 -21.13 -2.38
C ILE A 51 10.46 -21.58 -1.06
N ARG A 52 10.15 -20.62 -0.18
CA ARG A 52 9.54 -20.95 1.09
C ARG A 52 8.07 -20.54 1.02
N ASN A 53 7.20 -21.34 1.62
CA ASN A 53 5.79 -21.02 1.63
C ASN A 53 5.34 -20.64 3.02
N VAL A 54 4.56 -19.57 3.07
CA VAL A 54 4.01 -19.11 4.33
C VAL A 54 2.52 -19.42 4.24
N LEU A 55 2.12 -20.48 4.93
CA LEU A 55 0.73 -20.93 4.97
C LEU A 55 -0.12 -20.03 5.85
N PRO A 56 -1.01 -19.22 5.26
CA PRO A 56 -1.86 -18.33 6.06
C PRO A 56 -3.03 -19.14 6.63
N ARG A 57 -3.97 -18.48 7.30
CA ARG A 57 -5.12 -19.19 7.84
C ARG A 57 -6.38 -18.85 7.05
N HIS A 58 -6.22 -17.99 6.05
CA HIS A 58 -7.32 -17.58 5.19
C HIS A 58 -6.69 -17.02 3.93
N GLU A 59 -7.24 -17.38 2.78
CA GLU A 59 -6.74 -16.93 1.48
C GLU A 59 -6.63 -15.41 1.43
N GLN A 60 -7.57 -14.71 2.07
CA GLN A 60 -7.51 -13.25 2.08
C GLN A 60 -6.22 -12.84 2.80
N GLY A 61 -5.87 -13.60 3.85
CA GLY A 61 -4.65 -13.34 4.58
C GLY A 61 -3.47 -13.54 3.65
N GLY A 62 -3.55 -14.58 2.82
CA GLY A 62 -2.50 -14.86 1.86
C GLY A 62 -2.25 -13.70 0.91
N VAL A 63 -3.32 -13.16 0.30
CA VAL A 63 -3.18 -12.04 -0.63
C VAL A 63 -2.60 -10.80 0.04
N PHE A 64 -3.22 -10.40 1.15
CA PHE A 64 -2.77 -9.23 1.89
C PHE A 64 -1.31 -9.40 2.32
N ALA A 65 -0.94 -10.62 2.68
CA ALA A 65 0.45 -10.89 3.06
C ALA A 65 1.34 -10.66 1.82
N ALA A 66 0.87 -11.15 0.67
CA ALA A 66 1.61 -10.98 -0.58
C ALA A 66 1.73 -9.48 -0.88
N GLU A 67 0.66 -8.73 -0.62
CA GLU A 67 0.69 -7.28 -0.85
C GLU A 67 1.74 -6.63 0.05
N GLY A 68 1.73 -7.01 1.32
CA GLY A 68 2.68 -6.46 2.27
C GLY A 68 4.10 -6.72 1.80
N TYR A 69 4.34 -7.96 1.36
CA TYR A 69 5.63 -8.39 0.85
C TYR A 69 6.04 -7.44 -0.29
N ALA A 70 5.17 -7.33 -1.28
CA ALA A 70 5.42 -6.45 -2.44
C ALA A 70 5.62 -4.98 -2.03
N ARG A 71 4.64 -4.43 -1.33
CA ARG A 71 4.69 -3.04 -0.90
C ARG A 71 5.96 -2.69 -0.11
N SER A 72 6.47 -3.65 0.66
CA SER A 72 7.65 -3.41 1.48
C SER A 72 8.99 -3.73 0.82
N SER A 73 8.95 -4.43 -0.30
CA SER A 73 10.17 -4.84 -0.99
C SER A 73 10.39 -4.33 -2.40
N GLY A 74 9.31 -3.99 -3.09
CA GLY A 74 9.46 -3.55 -4.47
C GLY A 74 9.43 -4.76 -5.38
N LYS A 75 9.36 -5.94 -4.76
CA LYS A 75 9.30 -7.20 -5.51
C LYS A 75 7.84 -7.57 -5.68
N PRO A 76 7.51 -8.44 -6.64
CA PRO A 76 6.10 -8.80 -6.78
C PRO A 76 5.71 -9.77 -5.66
N GLY A 77 4.46 -9.69 -5.22
CA GLY A 77 3.96 -10.58 -4.19
C GLY A 77 3.28 -11.77 -4.84
N ILE A 78 3.59 -12.98 -4.38
CA ILE A 78 3.00 -14.18 -4.95
C ILE A 78 2.11 -14.94 -3.98
N CYS A 79 0.85 -15.11 -4.34
CA CYS A 79 -0.05 -15.88 -3.51
C CYS A 79 -0.65 -16.98 -4.36
N ILE A 80 -0.98 -18.10 -3.75
CA ILE A 80 -1.56 -19.23 -4.44
C ILE A 80 -2.76 -19.75 -3.67
N ALA A 81 -3.82 -20.11 -4.38
CA ALA A 81 -5.04 -20.61 -3.75
C ALA A 81 -5.62 -21.75 -4.58
N THR A 82 -6.51 -22.52 -3.98
CA THR A 82 -7.14 -23.61 -4.71
C THR A 82 -8.31 -23.01 -5.49
N SER A 83 -9.12 -23.86 -6.12
CA SER A 83 -10.24 -23.37 -6.90
C SER A 83 -11.42 -22.95 -6.04
N GLY A 84 -12.50 -22.56 -6.71
CA GLY A 84 -13.71 -22.16 -6.02
C GLY A 84 -13.57 -21.18 -4.89
N PRO A 85 -13.90 -21.59 -3.66
CA PRO A 85 -13.82 -20.71 -2.49
C PRO A 85 -12.40 -20.21 -2.20
N GLY A 86 -11.40 -20.98 -2.63
CA GLY A 86 -10.03 -20.55 -2.42
C GLY A 86 -9.88 -19.30 -3.26
N ALA A 87 -10.12 -19.45 -4.56
CA ALA A 87 -10.01 -18.35 -5.51
C ALA A 87 -10.87 -17.15 -5.15
N THR A 88 -12.15 -17.36 -4.84
CA THR A 88 -12.99 -16.21 -4.50
C THR A 88 -12.49 -15.45 -3.29
N ASN A 89 -11.85 -16.14 -2.36
CA ASN A 89 -11.33 -15.47 -1.17
C ASN A 89 -10.16 -14.52 -1.43
N LEU A 90 -9.67 -14.48 -2.67
CA LEU A 90 -8.57 -13.59 -3.03
C LEU A 90 -9.09 -12.27 -3.57
N VAL A 91 -10.33 -12.28 -4.03
CA VAL A 91 -10.95 -11.12 -4.66
C VAL A 91 -10.69 -9.73 -4.06
N SER A 92 -10.86 -9.56 -2.75
CA SER A 92 -10.61 -8.25 -2.16
C SER A 92 -9.15 -7.85 -2.31
N GLY A 93 -8.26 -8.83 -2.22
CA GLY A 93 -6.83 -8.57 -2.34
C GLY A 93 -6.43 -8.12 -3.73
N LEU A 94 -7.04 -8.72 -4.76
CA LEU A 94 -6.76 -8.36 -6.14
C LEU A 94 -7.23 -6.93 -6.41
N ALA A 95 -8.47 -6.63 -6.00
CA ALA A 95 -9.04 -5.30 -6.19
C ALA A 95 -8.16 -4.28 -5.48
N ASP A 96 -7.67 -4.64 -4.31
CA ASP A 96 -6.81 -3.78 -3.51
C ASP A 96 -5.51 -3.50 -4.25
N ALA A 97 -4.86 -4.55 -4.73
CA ALA A 97 -3.59 -4.40 -5.43
C ALA A 97 -3.76 -3.65 -6.75
N LEU A 98 -4.94 -3.75 -7.36
CA LEU A 98 -5.15 -3.04 -8.62
C LEU A 98 -5.34 -1.56 -8.38
N LEU A 99 -6.13 -1.21 -7.37
CA LEU A 99 -6.37 0.20 -7.08
C LEU A 99 -5.14 0.91 -6.56
N ASP A 100 -4.25 0.19 -5.88
CA ASP A 100 -3.04 0.80 -5.35
C ASP A 100 -1.81 0.56 -6.22
N SER A 101 -2.02 -0.11 -7.36
CA SER A 101 -0.94 -0.40 -8.29
C SER A 101 0.22 -1.16 -7.66
N VAL A 102 -0.13 -2.26 -6.99
CA VAL A 102 0.83 -3.12 -6.31
C VAL A 102 1.16 -4.36 -7.17
N PRO A 103 2.46 -4.57 -7.48
CA PRO A 103 2.86 -5.73 -8.30
C PRO A 103 2.51 -7.04 -7.59
N LEU A 104 1.64 -7.83 -8.20
CA LEU A 104 1.23 -9.07 -7.56
C LEU A 104 0.86 -10.14 -8.59
N VAL A 105 1.25 -11.38 -8.31
CA VAL A 105 0.92 -12.51 -9.19
C VAL A 105 0.17 -13.55 -8.36
N ALA A 106 -1.10 -13.76 -8.71
CA ALA A 106 -1.93 -14.72 -8.01
C ALA A 106 -2.15 -15.94 -8.88
N ILE A 107 -1.91 -17.12 -8.30
CA ILE A 107 -2.10 -18.36 -9.02
C ILE A 107 -3.21 -19.17 -8.36
N THR A 108 -4.21 -19.55 -9.15
CA THR A 108 -5.32 -20.33 -8.60
C THR A 108 -5.50 -21.64 -9.32
N GLY A 109 -5.77 -22.68 -8.55
CA GLY A 109 -6.01 -23.98 -9.14
C GLY A 109 -7.40 -23.95 -9.73
N GLN A 110 -7.65 -24.81 -10.70
CA GLN A 110 -8.95 -24.90 -11.34
C GLN A 110 -9.29 -26.36 -11.48
N VAL A 111 -10.56 -26.63 -11.77
CA VAL A 111 -11.01 -27.99 -11.98
C VAL A 111 -10.44 -28.40 -13.34
N PRO A 112 -10.42 -29.70 -13.65
CA PRO A 112 -9.89 -30.15 -14.94
C PRO A 112 -10.59 -29.44 -16.10
N ARG A 113 -9.84 -29.15 -17.16
CA ARG A 113 -10.39 -28.46 -18.32
C ARG A 113 -11.74 -28.99 -18.83
N ARG A 114 -11.87 -30.30 -18.96
CA ARG A 114 -13.12 -30.85 -19.44
C ARG A 114 -14.28 -30.62 -18.47
N MET A 115 -13.96 -30.27 -17.23
CA MET A 115 -14.98 -30.03 -16.20
C MET A 115 -15.43 -28.58 -16.16
N ILE A 116 -14.66 -27.70 -16.79
CA ILE A 116 -14.96 -26.28 -16.80
C ILE A 116 -16.32 -25.96 -17.40
N GLY A 117 -17.04 -25.05 -16.75
CA GLY A 117 -18.36 -24.65 -17.20
C GLY A 117 -19.49 -25.64 -16.95
N THR A 118 -19.19 -26.77 -16.33
CA THR A 118 -20.20 -27.78 -16.05
C THR A 118 -20.78 -27.71 -14.65
N ASP A 119 -20.50 -26.63 -13.92
CA ASP A 119 -21.00 -26.49 -12.55
C ASP A 119 -20.34 -27.59 -11.70
N ALA A 120 -19.05 -27.82 -11.96
CA ALA A 120 -18.28 -28.85 -11.28
C ALA A 120 -17.98 -28.52 -9.83
N PHE A 121 -17.56 -29.55 -9.10
CA PHE A 121 -17.22 -29.41 -7.69
C PHE A 121 -16.17 -28.33 -7.50
N GLN A 122 -16.51 -27.32 -6.70
CA GLN A 122 -15.60 -26.22 -6.40
C GLN A 122 -15.07 -25.45 -7.61
N GLU A 123 -15.92 -25.17 -8.60
CA GLU A 123 -15.45 -24.40 -9.73
C GLU A 123 -16.15 -23.05 -9.75
N THR A 124 -15.41 -22.01 -10.06
CA THR A 124 -15.96 -20.67 -10.19
C THR A 124 -15.24 -20.08 -11.37
N PRO A 125 -15.95 -19.31 -12.19
CA PRO A 125 -15.34 -18.67 -13.37
C PRO A 125 -14.47 -17.52 -12.88
N ILE A 126 -13.38 -17.85 -12.20
CA ILE A 126 -12.52 -16.84 -11.62
C ILE A 126 -11.93 -15.82 -12.60
N VAL A 127 -11.63 -16.25 -13.82
CA VAL A 127 -11.08 -15.34 -14.80
C VAL A 127 -12.12 -14.29 -15.17
N GLU A 128 -13.38 -14.72 -15.26
CA GLU A 128 -14.49 -13.83 -15.59
C GLU A 128 -14.78 -12.88 -14.42
N VAL A 129 -14.76 -13.43 -13.22
CA VAL A 129 -15.02 -12.67 -12.00
C VAL A 129 -13.98 -11.59 -11.74
N THR A 130 -12.72 -11.93 -11.98
CA THR A 130 -11.61 -11.02 -11.71
C THR A 130 -11.13 -10.14 -12.86
N ARG A 131 -11.73 -10.29 -14.03
CA ARG A 131 -11.31 -9.51 -15.20
C ARG A 131 -11.28 -7.99 -14.96
N SER A 132 -12.29 -7.47 -14.28
CA SER A 132 -12.36 -6.03 -14.03
C SER A 132 -11.58 -5.57 -12.80
N ILE A 133 -11.03 -6.52 -12.04
CA ILE A 133 -10.28 -6.16 -10.85
C ILE A 133 -8.83 -6.60 -10.85
N THR A 134 -8.30 -6.91 -12.03
CA THR A 134 -6.89 -7.31 -12.15
C THR A 134 -6.32 -6.59 -13.35
N LYS A 135 -5.00 -6.44 -13.39
CA LYS A 135 -4.38 -5.75 -14.53
C LYS A 135 -4.55 -6.64 -15.76
N HIS A 136 -4.62 -7.95 -15.52
CA HIS A 136 -4.78 -8.93 -16.58
C HIS A 136 -4.85 -10.31 -15.94
N ASN A 137 -5.43 -11.29 -16.63
CA ASN A 137 -5.48 -12.64 -16.09
C ASN A 137 -5.43 -13.68 -17.20
N TYR A 138 -5.21 -14.93 -16.82
CA TYR A 138 -5.10 -16.02 -17.80
C TYR A 138 -5.75 -17.32 -17.31
N LEU A 139 -6.11 -18.15 -18.27
CA LEU A 139 -6.65 -19.47 -18.01
C LEU A 139 -5.73 -20.34 -18.85
N VAL A 140 -4.85 -21.10 -18.19
CA VAL A 140 -3.93 -21.96 -18.93
C VAL A 140 -4.71 -23.11 -19.52
N MET A 141 -4.60 -23.30 -20.82
CA MET A 141 -5.30 -24.37 -21.50
C MET A 141 -4.37 -25.46 -22.02
N ASP A 142 -3.08 -25.30 -21.74
CA ASP A 142 -2.09 -26.28 -22.18
C ASP A 142 -0.81 -26.16 -21.36
N VAL A 143 -0.34 -27.30 -20.86
CA VAL A 143 0.88 -27.35 -20.06
C VAL A 143 2.04 -26.67 -20.80
N GLU A 144 1.98 -26.71 -22.12
CA GLU A 144 3.01 -26.09 -22.93
C GLU A 144 3.11 -24.59 -22.69
N ASP A 145 2.01 -23.96 -22.28
CA ASP A 145 2.00 -22.51 -22.06
C ASP A 145 2.44 -22.03 -20.69
N ILE A 146 2.69 -22.95 -19.75
CA ILE A 146 3.08 -22.52 -18.42
C ILE A 146 4.27 -21.57 -18.40
N PRO A 147 5.38 -21.93 -19.05
CA PRO A 147 6.53 -21.02 -19.02
C PRO A 147 6.23 -19.61 -19.55
N ARG A 148 5.63 -19.53 -20.73
CA ARG A 148 5.32 -18.25 -21.35
C ARG A 148 4.36 -17.41 -20.52
N ILE A 149 3.27 -18.02 -20.08
CA ILE A 149 2.28 -17.32 -19.30
C ILE A 149 2.86 -16.78 -17.99
N ILE A 150 3.59 -17.62 -17.24
CA ILE A 150 4.19 -17.17 -16.01
C ILE A 150 5.13 -15.99 -16.26
N GLU A 151 5.95 -16.10 -17.30
CA GLU A 151 6.86 -15.01 -17.63
C GLU A 151 6.10 -13.74 -17.97
N GLU A 152 5.04 -13.89 -18.77
CA GLU A 152 4.20 -12.76 -19.16
C GLU A 152 3.52 -12.10 -17.96
N ALA A 153 3.02 -12.94 -17.05
CA ALA A 153 2.32 -12.46 -15.86
C ALA A 153 3.25 -11.60 -15.00
N PHE A 154 4.45 -12.10 -14.72
CA PHE A 154 5.40 -11.35 -13.93
C PHE A 154 5.80 -10.07 -14.64
N PHE A 155 5.99 -10.15 -15.96
CA PHE A 155 6.37 -8.99 -16.72
C PHE A 155 5.28 -7.91 -16.62
N LEU A 156 4.03 -8.32 -16.83
CA LEU A 156 2.90 -7.41 -16.77
C LEU A 156 2.67 -6.85 -15.37
N ALA A 157 2.81 -7.70 -14.37
CA ALA A 157 2.61 -7.30 -12.97
C ALA A 157 3.63 -6.29 -12.50
N THR A 158 4.85 -6.41 -12.99
CA THR A 158 5.93 -5.52 -12.56
C THR A 158 6.26 -4.32 -13.44
N SER A 159 5.98 -4.41 -14.73
CA SER A 159 6.29 -3.31 -15.66
C SER A 159 5.21 -2.22 -15.68
N GLY A 160 5.51 -1.12 -16.36
CA GLY A 160 4.58 0.00 -16.46
C GLY A 160 3.99 0.36 -15.11
N ARG A 161 2.66 0.41 -15.06
CA ARG A 161 1.97 0.68 -13.81
C ARG A 161 1.78 -0.70 -13.20
N PRO A 162 2.50 -1.00 -12.10
CA PRO A 162 2.39 -2.30 -11.44
C PRO A 162 0.96 -2.64 -11.09
N GLY A 163 0.64 -3.94 -11.08
CA GLY A 163 -0.70 -4.37 -10.76
C GLY A 163 -0.81 -5.88 -10.62
N PRO A 164 -1.97 -6.38 -10.22
CA PRO A 164 -2.15 -7.83 -10.05
C PRO A 164 -2.49 -8.57 -11.33
N VAL A 165 -1.94 -9.78 -11.46
CA VAL A 165 -2.20 -10.64 -12.60
C VAL A 165 -2.52 -12.02 -12.04
N LEU A 166 -3.66 -12.58 -12.44
CA LEU A 166 -4.07 -13.90 -11.96
C LEU A 166 -3.92 -14.98 -13.03
N VAL A 167 -3.34 -16.11 -12.64
CA VAL A 167 -3.15 -17.22 -13.56
C VAL A 167 -3.93 -18.41 -13.06
N ASP A 168 -4.92 -18.81 -13.85
CA ASP A 168 -5.79 -19.92 -13.50
C ASP A 168 -5.23 -21.19 -14.13
N VAL A 169 -4.90 -22.17 -13.28
CA VAL A 169 -4.31 -23.42 -13.74
C VAL A 169 -5.15 -24.68 -13.50
N PRO A 170 -5.77 -25.21 -14.57
CA PRO A 170 -6.59 -26.41 -14.44
C PRO A 170 -5.79 -27.57 -13.84
N LYS A 171 -6.45 -28.36 -13.01
CA LYS A 171 -5.80 -29.47 -12.33
C LYS A 171 -5.20 -30.51 -13.27
N ASP A 172 -5.86 -30.79 -14.38
CA ASP A 172 -5.33 -31.79 -15.30
C ASP A 172 -4.03 -31.33 -15.94
N ILE A 173 -3.84 -30.01 -16.05
CA ILE A 173 -2.63 -29.46 -16.63
C ILE A 173 -1.48 -29.52 -15.61
N GLN A 174 -1.84 -29.48 -14.33
CA GLN A 174 -0.84 -29.56 -13.28
C GLN A 174 -0.21 -30.96 -13.26
N GLN A 175 -1.01 -31.95 -13.62
CA GLN A 175 -0.59 -33.34 -13.60
C GLN A 175 0.04 -33.82 -14.90
N GLN A 176 -0.22 -33.11 -15.99
CA GLN A 176 0.32 -33.49 -17.29
C GLN A 176 1.85 -33.40 -17.35
N LEU A 177 2.48 -34.43 -17.89
CA LEU A 177 3.94 -34.45 -18.00
C LEU A 177 4.38 -33.78 -19.29
N ALA A 178 5.46 -33.01 -19.21
CA ALA A 178 5.97 -32.32 -20.38
C ALA A 178 7.39 -31.82 -20.18
N ILE A 179 8.00 -31.40 -21.27
CA ILE A 179 9.36 -30.87 -21.21
C ILE A 179 9.23 -29.39 -21.54
N PRO A 180 9.44 -28.54 -20.54
CA PRO A 180 9.36 -27.08 -20.68
C PRO A 180 10.36 -26.46 -21.62
N ASN A 181 9.92 -25.38 -22.26
CA ASN A 181 10.74 -24.60 -23.16
C ASN A 181 10.80 -23.21 -22.56
N TRP A 182 11.93 -22.86 -21.97
CA TRP A 182 12.08 -21.56 -21.33
C TRP A 182 12.49 -20.46 -22.29
N GLU A 183 12.58 -20.81 -23.57
CA GLU A 183 13.00 -19.85 -24.59
C GLU A 183 11.85 -19.13 -25.28
N GLN A 184 10.63 -19.61 -25.08
CA GLN A 184 9.46 -19.00 -25.71
C GLN A 184 9.37 -17.48 -25.52
N ALA A 185 9.05 -16.78 -26.59
CA ALA A 185 8.93 -15.33 -26.56
C ALA A 185 7.54 -14.96 -26.05
N MET A 186 7.45 -13.84 -25.34
CA MET A 186 6.17 -13.40 -24.81
C MET A 186 5.31 -12.83 -25.93
N ARG A 187 3.99 -13.01 -25.82
CA ARG A 187 3.06 -12.50 -26.81
C ARG A 187 2.40 -11.24 -26.30
N LEU A 188 3.17 -10.17 -26.16
CA LEU A 188 2.65 -8.90 -25.68
C LEU A 188 2.98 -7.76 -26.64
N PRO A 189 2.76 -7.98 -27.95
CA PRO A 189 3.05 -6.94 -28.93
C PRO A 189 2.41 -5.59 -28.63
N GLY A 190 1.11 -5.58 -28.39
CA GLY A 190 0.43 -4.33 -28.11
C GLY A 190 0.95 -3.59 -26.89
N TYR A 191 1.03 -4.30 -25.77
CA TYR A 191 1.50 -3.75 -24.51
C TYR A 191 2.93 -3.22 -24.63
N MET A 192 3.82 -4.05 -25.13
CA MET A 192 5.22 -3.66 -25.26
C MET A 192 5.44 -2.52 -26.22
N SER A 193 4.56 -2.37 -27.20
CA SER A 193 4.70 -1.27 -28.14
C SER A 193 4.20 0.02 -27.48
N ARG A 194 3.36 -0.12 -26.46
CA ARG A 194 2.80 1.03 -25.74
C ARG A 194 3.65 1.53 -24.56
N MET A 195 4.63 0.73 -24.14
CA MET A 195 5.48 1.11 -23.01
C MET A 195 6.16 2.45 -23.28
N PRO A 196 6.00 3.40 -22.36
CA PRO A 196 6.60 4.73 -22.50
C PRO A 196 8.10 4.73 -22.77
N LYS A 197 8.52 5.62 -23.67
CA LYS A 197 9.93 5.78 -24.01
C LYS A 197 10.50 6.75 -22.99
N PRO A 198 11.83 6.76 -22.81
CA PRO A 198 12.40 7.69 -21.84
C PRO A 198 12.04 9.13 -22.24
N PRO A 199 11.80 10.00 -21.24
CA PRO A 199 11.43 11.40 -21.48
C PRO A 199 12.37 12.19 -22.40
N GLU A 200 11.77 13.04 -23.24
CA GLU A 200 12.54 13.85 -24.17
C GLU A 200 13.02 15.11 -23.46
N ASP A 201 14.22 15.55 -23.82
CA ASP A 201 14.80 16.74 -23.23
C ASP A 201 13.97 17.99 -23.45
N SER A 202 13.36 18.11 -24.62
CA SER A 202 12.54 19.28 -24.91
C SER A 202 11.47 19.38 -23.81
N HIS A 203 10.82 18.27 -23.52
CA HIS A 203 9.78 18.23 -22.50
C HIS A 203 10.33 18.62 -21.13
N LEU A 204 11.38 17.93 -20.68
CA LEU A 204 11.97 18.19 -19.38
C LEU A 204 12.44 19.64 -19.21
N GLU A 205 12.90 20.25 -20.31
CA GLU A 205 13.36 21.61 -20.22
C GLU A 205 12.21 22.60 -20.08
N GLN A 206 11.09 22.32 -20.73
CA GLN A 206 9.95 23.21 -20.62
C GLN A 206 9.48 23.24 -19.17
N ILE A 207 9.70 22.14 -18.46
CA ILE A 207 9.33 22.05 -17.06
C ILE A 207 10.26 22.94 -16.23
N VAL A 208 11.57 22.74 -16.41
CA VAL A 208 12.54 23.55 -15.68
C VAL A 208 12.30 25.02 -15.98
N ARG A 209 11.81 25.30 -17.18
CA ARG A 209 11.51 26.67 -17.60
C ARG A 209 10.34 27.20 -16.77
N LEU A 210 9.31 26.37 -16.63
CA LEU A 210 8.13 26.74 -15.86
C LEU A 210 8.48 26.96 -14.40
N ILE A 211 9.39 26.12 -13.88
CA ILE A 211 9.83 26.23 -12.50
C ILE A 211 10.48 27.58 -12.25
N SER A 212 11.33 28.01 -13.17
CA SER A 212 12.02 29.29 -13.05
C SER A 212 11.05 30.45 -13.23
N GLU A 213 9.95 30.20 -13.94
CA GLU A 213 8.96 31.23 -14.20
C GLU A 213 7.90 31.35 -13.09
N SER A 214 7.93 30.42 -12.14
CA SER A 214 6.96 30.43 -11.05
C SER A 214 7.46 31.13 -9.80
N LYS A 215 6.51 31.49 -8.94
CA LYS A 215 6.82 32.16 -7.68
C LYS A 215 6.29 31.31 -6.52
N LYS A 216 5.24 30.54 -6.78
CA LYS A 216 4.63 29.67 -5.76
C LYS A 216 4.51 28.22 -6.24
N PRO A 217 5.65 27.54 -6.41
CA PRO A 217 5.68 26.15 -6.87
C PRO A 217 5.41 25.13 -5.75
N VAL A 218 4.71 24.06 -6.07
CA VAL A 218 4.42 23.03 -5.08
C VAL A 218 4.50 21.64 -5.68
N LEU A 219 5.25 20.76 -5.02
CA LEU A 219 5.38 19.38 -5.46
C LEU A 219 4.21 18.56 -4.91
N TYR A 220 3.56 17.79 -5.79
CA TYR A 220 2.43 16.95 -5.45
C TYR A 220 2.87 15.51 -5.76
N VAL A 221 3.57 14.93 -4.79
CA VAL A 221 4.14 13.59 -4.90
C VAL A 221 3.22 12.47 -4.42
N GLY A 222 3.18 11.38 -5.19
CA GLY A 222 2.34 10.26 -4.84
C GLY A 222 3.02 8.89 -4.90
N GLY A 223 2.19 7.84 -4.94
CA GLY A 223 2.72 6.50 -4.99
C GLY A 223 3.67 6.20 -6.14
N GLY A 224 3.61 7.01 -7.19
CA GLY A 224 4.49 6.78 -8.33
C GLY A 224 5.95 7.08 -8.08
N CYS A 225 6.26 7.76 -6.98
CA CYS A 225 7.64 8.11 -6.66
C CYS A 225 8.33 7.15 -5.70
N LEU A 226 7.67 6.06 -5.34
CA LEU A 226 8.24 5.10 -4.41
C LEU A 226 9.64 4.60 -4.74
N ASN A 227 10.03 4.67 -6.01
CA ASN A 227 11.35 4.21 -6.41
C ASN A 227 12.25 5.36 -6.83
N SER A 228 11.81 6.58 -6.56
CA SER A 228 12.57 7.74 -6.94
C SER A 228 12.96 8.58 -5.75
N SER A 229 13.10 7.93 -4.60
CA SER A 229 13.46 8.61 -3.36
C SER A 229 14.65 9.54 -3.54
N ASP A 230 15.75 8.99 -4.04
CA ASP A 230 16.95 9.77 -4.26
C ASP A 230 16.79 10.85 -5.32
N GLU A 231 16.27 10.49 -6.49
CA GLU A 231 16.06 11.45 -7.56
C GLU A 231 15.22 12.63 -7.07
N LEU A 232 14.16 12.32 -6.33
CA LEU A 232 13.27 13.35 -5.80
C LEU A 232 13.99 14.24 -4.81
N GLY A 233 14.75 13.63 -3.90
CA GLY A 233 15.48 14.41 -2.91
C GLY A 233 16.40 15.41 -3.57
N ARG A 234 17.21 14.93 -4.52
CA ARG A 234 18.14 15.78 -5.26
C ARG A 234 17.39 16.91 -5.97
N PHE A 235 16.26 16.56 -6.57
CA PHE A 235 15.44 17.52 -7.27
C PHE A 235 15.00 18.66 -6.35
N VAL A 236 14.60 18.31 -5.14
CA VAL A 236 14.13 19.30 -4.17
C VAL A 236 15.25 20.20 -3.68
N GLU A 237 16.46 19.68 -3.61
CA GLU A 237 17.56 20.50 -3.14
C GLU A 237 18.09 21.41 -4.24
N LEU A 238 17.70 21.13 -5.48
CA LEU A 238 18.14 21.95 -6.60
C LEU A 238 17.09 23.01 -6.92
N THR A 239 15.88 22.84 -6.40
CA THR A 239 14.79 23.77 -6.68
C THR A 239 14.24 24.42 -5.42
N GLY A 240 14.38 23.72 -4.30
CA GLY A 240 13.86 24.23 -3.03
C GLY A 240 12.36 24.39 -3.05
N ILE A 241 11.67 23.45 -3.70
CA ILE A 241 10.21 23.47 -3.79
C ILE A 241 9.59 22.61 -2.68
N PRO A 242 8.59 23.16 -1.97
CA PRO A 242 7.94 22.40 -0.89
C PRO A 242 7.24 21.15 -1.42
N VAL A 243 7.27 20.09 -0.62
CA VAL A 243 6.70 18.80 -1.01
C VAL A 243 5.44 18.36 -0.27
N ALA A 244 4.32 18.28 -0.98
CA ALA A 244 3.06 17.80 -0.42
C ALA A 244 2.96 16.34 -0.87
N SER A 245 2.35 15.45 -0.05
CA SER A 245 2.32 14.04 -0.43
C SER A 245 0.93 13.46 -0.23
N THR A 246 0.63 12.44 -1.07
CA THR A 246 -0.62 11.72 -0.97
C THR A 246 -0.36 10.64 0.08
N LEU A 247 -1.41 9.93 0.47
CA LEU A 247 -1.27 8.89 1.45
C LEU A 247 -0.40 7.77 0.88
N MET A 248 -0.47 7.57 -0.43
CA MET A 248 0.31 6.53 -1.09
C MET A 248 1.76 6.93 -1.26
N GLY A 249 2.02 8.23 -1.25
CA GLY A 249 3.38 8.71 -1.44
C GLY A 249 4.24 8.88 -0.19
N LEU A 250 3.63 8.80 0.99
CA LEU A 250 4.39 8.98 2.25
C LEU A 250 5.73 8.26 2.26
N GLY A 251 6.79 9.01 2.56
CA GLY A 251 8.11 8.41 2.62
C GLY A 251 9.00 8.66 1.41
N SER A 252 8.40 9.02 0.28
CA SER A 252 9.17 9.30 -0.93
C SER A 252 10.10 10.46 -0.61
N TYR A 253 9.62 11.33 0.27
CA TYR A 253 10.38 12.47 0.73
C TYR A 253 10.15 12.49 2.25
N PRO A 254 11.23 12.54 3.04
CA PRO A 254 11.16 12.55 4.51
C PRO A 254 10.18 13.56 5.11
N CSD A 255 9.17 13.07 5.84
CA CSD A 255 8.16 13.92 6.46
CB CSD A 255 7.09 13.09 7.16
SG CSD A 255 6.16 11.99 6.05
C CSD A 255 8.79 14.87 7.46
O CSD A 255 8.26 15.93 7.76
OD1 CSD A 255 5.43 12.59 4.93
OD2 CSD A 255 6.13 10.56 6.26
N ASP A 256 9.95 14.46 7.98
CA ASP A 256 10.69 15.25 8.96
C ASP A 256 11.70 16.16 8.27
N ASP A 257 11.20 17.11 7.49
CA ASP A 257 12.06 18.04 6.78
C ASP A 257 11.31 19.36 6.66
N GLU A 258 12.03 20.47 6.79
CA GLU A 258 11.40 21.78 6.73
C GLU A 258 10.74 22.09 5.40
N LEU A 259 11.14 21.38 4.36
CA LEU A 259 10.57 21.58 3.03
C LEU A 259 9.34 20.71 2.83
N SER A 260 9.07 19.85 3.81
CA SER A 260 7.95 18.94 3.77
C SER A 260 6.64 19.57 4.25
N LEU A 261 5.60 19.50 3.41
CA LEU A 261 4.28 20.05 3.75
C LEU A 261 3.41 18.91 4.24
N HIS A 262 4.00 17.71 4.25
CA HIS A 262 3.31 16.50 4.69
C HIS A 262 2.17 16.12 3.77
N MET A 263 1.20 15.37 4.29
CA MET A 263 0.08 14.92 3.47
C MET A 263 -0.97 15.97 3.15
N LEU A 264 -1.53 15.88 1.95
CA LEU A 264 -2.58 16.79 1.54
C LEU A 264 -3.84 15.97 1.34
N GLY A 265 -4.94 16.63 1.00
CA GLY A 265 -6.19 15.93 0.79
C GLY A 265 -7.20 16.11 1.90
N MET A 266 -8.22 15.26 1.89
CA MET A 266 -9.30 15.28 2.86
C MET A 266 -8.83 15.45 4.30
N HIS A 267 -7.83 14.67 4.68
CA HIS A 267 -7.28 14.73 6.02
C HIS A 267 -5.85 15.22 5.98
N GLY A 268 -5.52 15.99 4.96
CA GLY A 268 -4.19 16.53 4.82
C GLY A 268 -4.00 17.74 5.73
N THR A 269 -2.75 18.14 5.94
CA THR A 269 -2.44 19.29 6.78
C THR A 269 -3.02 20.57 6.16
N VAL A 270 -3.41 21.51 7.01
CA VAL A 270 -3.95 22.77 6.52
C VAL A 270 -2.95 23.46 5.60
N TYR A 271 -1.67 23.43 5.97
CA TYR A 271 -0.66 24.07 5.15
C TYR A 271 -0.40 23.38 3.81
N ALA A 272 -0.49 22.05 3.79
CA ALA A 272 -0.29 21.32 2.54
C ALA A 272 -1.39 21.70 1.55
N ASN A 273 -2.63 21.66 2.01
CA ASN A 273 -3.75 22.00 1.15
C ASN A 273 -3.75 23.48 0.79
N TYR A 274 -3.18 24.29 1.67
CA TYR A 274 -3.11 25.73 1.45
C TYR A 274 -2.16 25.98 0.28
N ALA A 275 -0.96 25.42 0.38
CA ALA A 275 0.06 25.59 -0.65
C ALA A 275 -0.47 25.22 -2.05
N VAL A 276 -1.25 24.15 -2.13
CA VAL A 276 -1.80 23.70 -3.39
C VAL A 276 -2.87 24.69 -3.85
N GLU A 277 -3.68 25.14 -2.90
CA GLU A 277 -4.75 26.09 -3.17
C GLU A 277 -4.19 27.40 -3.75
N HIS A 278 -3.02 27.80 -3.28
CA HIS A 278 -2.41 29.05 -3.72
C HIS A 278 -1.14 28.92 -4.53
N SER A 279 -0.92 27.76 -5.15
CA SER A 279 0.28 27.58 -5.95
C SER A 279 0.03 28.03 -7.38
N ASP A 280 1.09 28.48 -8.05
CA ASP A 280 0.98 28.91 -9.44
C ASP A 280 1.53 27.80 -10.33
N LEU A 281 2.26 26.86 -9.73
CA LEU A 281 2.82 25.72 -10.44
C LEU A 281 2.68 24.47 -9.59
N LEU A 282 1.99 23.47 -10.13
CA LEU A 282 1.76 22.22 -9.43
C LEU A 282 2.47 21.09 -10.16
N LEU A 283 3.47 20.49 -9.50
CA LEU A 283 4.22 19.40 -10.10
C LEU A 283 3.69 18.05 -9.61
N ALA A 284 2.73 17.51 -10.35
CA ALA A 284 2.10 16.24 -10.02
C ALA A 284 2.93 15.03 -10.47
N PHE A 285 3.74 14.49 -9.56
CA PHE A 285 4.59 13.36 -9.88
C PHE A 285 4.15 12.04 -9.26
N GLY A 286 3.70 11.11 -10.09
CA GLY A 286 3.27 9.81 -9.61
C GLY A 286 1.98 9.83 -8.81
N VAL A 287 1.05 10.70 -9.22
CA VAL A 287 -0.23 10.83 -8.55
C VAL A 287 -1.36 10.64 -9.56
N ARG A 288 -2.57 10.37 -9.07
CA ARG A 288 -3.71 10.16 -9.95
C ARG A 288 -4.90 11.06 -9.65
N PHE A 289 -4.62 12.24 -9.11
CA PHE A 289 -5.66 13.21 -8.78
C PHE A 289 -6.95 12.55 -8.28
N ASP A 290 -6.86 11.85 -7.15
CA ASP A 290 -8.02 11.18 -6.58
C ASP A 290 -8.94 12.16 -5.85
N ASP A 291 -10.23 11.84 -5.81
CA ASP A 291 -11.20 12.73 -5.14
C ASP A 291 -10.80 13.03 -3.69
N ARG A 292 -10.10 12.09 -3.06
CA ARG A 292 -9.65 12.26 -1.68
C ARG A 292 -8.70 13.46 -1.56
N VAL A 293 -7.93 13.70 -2.61
CA VAL A 293 -6.97 14.79 -2.62
C VAL A 293 -7.49 16.09 -3.23
N THR A 294 -8.26 15.97 -4.30
CA THR A 294 -8.76 17.15 -5.00
C THR A 294 -10.04 17.77 -4.46
N GLY A 295 -10.96 16.95 -3.98
CA GLY A 295 -12.21 17.48 -3.49
C GLY A 295 -12.96 17.94 -4.72
N LYS A 296 -13.22 19.23 -4.82
CA LYS A 296 -13.92 19.77 -5.99
C LYS A 296 -12.87 20.16 -7.01
N LEU A 297 -12.74 19.33 -8.06
CA LEU A 297 -11.76 19.54 -9.12
C LEU A 297 -11.62 20.97 -9.62
N GLU A 298 -12.75 21.66 -9.84
CA GLU A 298 -12.71 23.04 -10.31
C GLU A 298 -11.85 23.91 -9.39
N ALA A 299 -12.05 23.74 -8.08
CA ALA A 299 -11.32 24.51 -7.08
C ALA A 299 -9.91 24.02 -6.80
N PHE A 300 -9.62 22.78 -7.15
CA PHE A 300 -8.29 22.21 -6.91
C PHE A 300 -7.19 22.85 -7.75
N ALA A 301 -6.21 23.46 -7.09
CA ALA A 301 -5.10 24.12 -7.78
C ALA A 301 -5.62 25.01 -8.91
N SER A 302 -6.75 25.64 -8.66
CA SER A 302 -7.41 26.51 -9.63
C SER A 302 -6.57 27.64 -10.20
N ARG A 303 -5.59 28.12 -9.46
CA ARG A 303 -4.77 29.21 -9.95
C ARG A 303 -3.32 28.83 -10.24
N ALA A 304 -3.11 27.74 -11.04
CA ALA A 304 -1.72 27.38 -11.28
C ALA A 304 -1.59 26.44 -12.47
N LYS A 305 -0.35 26.48 -13.05
CA LYS A 305 0.03 25.64 -14.19
C LYS A 305 0.34 24.25 -13.65
N ILE A 306 -0.37 23.25 -14.18
CA ILE A 306 -0.20 21.88 -13.75
C ILE A 306 0.65 21.01 -14.66
N VAL A 307 1.70 20.43 -14.09
CA VAL A 307 2.60 19.53 -14.82
C VAL A 307 2.33 18.14 -14.25
N HIS A 308 1.98 17.20 -15.11
CA HIS A 308 1.68 15.85 -14.66
C HIS A 308 2.53 14.80 -15.35
N ILE A 309 3.38 14.12 -14.57
CA ILE A 309 4.24 13.06 -15.11
C ILE A 309 3.74 11.71 -14.60
N ASP A 310 3.22 10.89 -15.51
CA ASP A 310 2.70 9.58 -15.13
C ASP A 310 3.11 8.50 -16.14
N ILE A 311 3.26 7.27 -15.66
CA ILE A 311 3.65 6.13 -16.47
C ILE A 311 2.43 5.53 -17.21
N ASP A 312 1.25 5.99 -16.84
CA ASP A 312 0.00 5.50 -17.44
C ASP A 312 -0.67 6.66 -18.17
N SER A 313 -0.65 6.63 -19.50
CA SER A 313 -1.25 7.70 -20.30
C SER A 313 -2.73 7.88 -19.99
N ALA A 314 -3.38 6.79 -19.59
CA ALA A 314 -4.80 6.81 -19.27
C ALA A 314 -5.11 7.70 -18.08
N GLU A 315 -4.09 7.99 -17.26
CA GLU A 315 -4.26 8.84 -16.10
C GLU A 315 -4.05 10.32 -16.41
N ILE A 316 -3.23 10.63 -17.42
CA ILE A 316 -2.96 12.02 -17.74
C ILE A 316 -4.17 12.68 -18.39
N GLY A 317 -4.79 13.57 -17.62
CA GLY A 317 -5.96 14.28 -18.09
C GLY A 317 -7.25 13.55 -17.76
N LYS A 318 -7.19 12.61 -16.82
CA LYS A 318 -8.38 11.85 -16.44
C LYS A 318 -9.35 12.68 -15.59
N ASN A 319 -8.81 13.40 -14.60
CA ASN A 319 -9.63 14.24 -13.72
C ASN A 319 -9.24 15.73 -13.82
N LYS A 320 -7.97 15.98 -14.13
CA LYS A 320 -7.48 17.34 -14.27
C LYS A 320 -6.68 17.47 -15.56
N THR A 321 -6.90 18.55 -16.29
CA THR A 321 -6.18 18.76 -17.54
C THR A 321 -4.90 19.53 -17.27
N PRO A 322 -3.75 18.89 -17.46
CA PRO A 322 -2.46 19.55 -17.23
C PRO A 322 -2.19 20.60 -18.29
N HIS A 323 -1.18 21.43 -18.06
CA HIS A 323 -0.79 22.46 -19.01
C HIS A 323 0.43 21.85 -19.69
N VAL A 324 1.01 20.88 -19.01
CA VAL A 324 2.19 20.18 -19.49
C VAL A 324 2.13 18.77 -18.95
N SER A 325 2.36 17.78 -19.81
CA SER A 325 2.33 16.41 -19.37
C SER A 325 3.53 15.66 -19.90
N VAL A 326 3.88 14.58 -19.22
CA VAL A 326 4.99 13.75 -19.62
C VAL A 326 4.59 12.33 -19.29
N CYS A 327 4.41 11.51 -20.31
CA CYS A 327 4.04 10.13 -20.10
C CYS A 327 5.30 9.28 -20.05
N GLY A 328 5.74 8.93 -18.84
CA GLY A 328 6.92 8.12 -18.69
C GLY A 328 7.27 7.88 -17.23
N ASP A 329 8.43 7.27 -17.00
CA ASP A 329 8.92 6.97 -15.67
C ASP A 329 9.36 8.26 -14.96
N VAL A 330 8.71 8.57 -13.84
CA VAL A 330 9.04 9.78 -13.10
C VAL A 330 10.50 9.77 -12.63
N LYS A 331 11.03 8.58 -12.37
CA LYS A 331 12.41 8.46 -11.93
C LYS A 331 13.36 8.99 -13.00
N LEU A 332 13.07 8.69 -14.26
CA LEU A 332 13.91 9.16 -15.37
C LEU A 332 13.72 10.65 -15.59
N ALA A 333 12.48 11.12 -15.51
CA ALA A 333 12.20 12.54 -15.69
C ALA A 333 12.95 13.36 -14.66
N LEU A 334 13.00 12.86 -13.43
CA LEU A 334 13.72 13.55 -12.36
C LEU A 334 15.23 13.61 -12.64
N GLN A 335 15.80 12.48 -13.07
CA GLN A 335 17.23 12.42 -13.38
C GLN A 335 17.56 13.40 -14.48
N GLY A 336 16.66 13.51 -15.46
CA GLY A 336 16.88 14.43 -16.56
C GLY A 336 16.80 15.88 -16.11
N MET A 337 15.74 16.20 -15.38
CA MET A 337 15.58 17.56 -14.90
C MET A 337 16.68 17.91 -13.91
N ASN A 338 17.20 16.92 -13.21
CA ASN A 338 18.27 17.20 -12.27
C ASN A 338 19.52 17.68 -13.00
N LYS A 339 19.87 17.04 -14.10
CA LYS A 339 21.04 17.44 -14.88
C LYS A 339 20.88 18.90 -15.33
N VAL A 340 19.76 19.20 -15.98
CA VAL A 340 19.48 20.55 -16.44
C VAL A 340 19.61 21.56 -15.30
N LEU A 341 18.90 21.29 -14.20
CA LEU A 341 18.94 22.16 -13.04
C LEU A 341 20.36 22.28 -12.52
N GLU A 342 21.11 21.19 -12.59
CA GLU A 342 22.48 21.17 -12.11
C GLU A 342 23.40 22.05 -12.97
N ASN A 343 23.13 22.11 -14.27
CA ASN A 343 23.95 22.90 -15.18
C ASN A 343 23.54 24.36 -15.20
N ARG A 344 22.31 24.62 -15.63
CA ARG A 344 21.83 26.00 -15.70
C ARG A 344 21.59 26.58 -14.30
N ALA A 345 22.22 25.97 -13.30
CA ALA A 345 22.09 26.41 -11.91
C ALA A 345 22.30 27.92 -11.77
N GLU A 346 23.49 28.38 -12.12
CA GLU A 346 23.85 29.80 -12.03
C GLU A 346 22.89 30.71 -12.77
N GLU A 347 22.64 30.42 -14.05
CA GLU A 347 21.74 31.25 -14.85
C GLU A 347 20.30 31.15 -14.36
N LEU A 348 20.01 30.15 -13.54
CA LEU A 348 18.65 29.97 -13.02
C LEU A 348 18.47 30.70 -11.69
N LYS A 349 19.36 30.42 -10.74
CA LYS A 349 19.29 31.04 -9.43
C LYS A 349 17.86 30.99 -8.88
N LEU A 350 17.39 29.77 -8.63
CA LEU A 350 16.05 29.54 -8.11
C LEU A 350 15.97 29.88 -6.63
N ASP A 351 14.98 30.69 -6.26
CA ASP A 351 14.80 31.09 -4.87
C ASP A 351 13.32 31.22 -4.53
N PHE A 352 12.79 30.27 -3.78
CA PHE A 352 11.38 30.32 -3.40
C PHE A 352 11.23 30.59 -1.91
N GLY A 353 12.14 31.39 -1.37
CA GLY A 353 12.10 31.73 0.04
C GLY A 353 10.78 32.36 0.47
N VAL A 354 10.35 33.37 -0.28
CA VAL A 354 9.10 34.06 0.03
C VAL A 354 7.92 33.09 0.12
N TRP A 355 7.86 32.17 -0.82
CA TRP A 355 6.80 31.17 -0.86
C TRP A 355 6.89 30.25 0.36
N ARG A 356 8.07 29.70 0.61
CA ARG A 356 8.26 28.81 1.75
C ARG A 356 7.88 29.47 3.06
N ASN A 357 8.18 30.76 3.21
CA ASN A 357 7.84 31.49 4.42
C ASN A 357 6.34 31.69 4.51
N GLU A 358 5.73 32.06 3.38
CA GLU A 358 4.29 32.27 3.34
C GLU A 358 3.61 31.00 3.82
N LEU A 359 4.28 29.88 3.58
CA LEU A 359 3.78 28.57 3.98
C LEU A 359 4.16 28.26 5.42
N ASN A 360 5.42 28.55 5.78
CA ASN A 360 5.87 28.29 7.15
C ASN A 360 5.03 29.02 8.19
N VAL A 361 4.33 30.06 7.77
CA VAL A 361 3.47 30.79 8.70
C VAL A 361 2.22 29.94 8.89
N GLN A 362 1.75 29.33 7.80
CA GLN A 362 0.57 28.47 7.85
C GLN A 362 0.91 27.22 8.65
N LYS A 363 2.12 26.69 8.43
CA LYS A 363 2.56 25.49 9.12
C LYS A 363 2.65 25.75 10.62
N GLN A 364 2.77 27.03 10.97
CA GLN A 364 2.89 27.43 12.36
C GLN A 364 1.56 27.85 12.96
N LYS A 365 0.71 28.45 12.16
CA LYS A 365 -0.60 28.88 12.64
C LYS A 365 -1.58 27.70 12.65
N PHE A 366 -1.41 26.75 11.75
CA PHE A 366 -2.30 25.59 11.68
C PHE A 366 -1.60 24.24 11.66
N PRO A 367 -0.79 23.94 12.68
CA PRO A 367 -0.08 22.66 12.72
C PRO A 367 -0.99 21.51 13.18
N LEU A 368 -0.58 20.28 12.94
CA LEU A 368 -1.36 19.13 13.36
C LEU A 368 -1.43 19.14 14.88
N SER A 369 -2.62 18.93 15.43
CA SER A 369 -2.78 18.95 16.87
C SER A 369 -3.69 17.84 17.41
N PHE A 370 -3.62 17.65 18.72
CA PHE A 370 -4.43 16.66 19.40
C PHE A 370 -4.53 17.05 20.87
N LYS A 371 -5.72 16.88 21.42
CA LYS A 371 -5.97 17.23 22.81
C LYS A 371 -5.71 16.03 23.70
N THR A 372 -5.26 16.28 24.93
CA THR A 372 -5.00 15.22 25.90
C THR A 372 -5.98 15.39 27.07
N PHE A 373 -6.77 14.35 27.38
CA PHE A 373 -7.75 14.42 28.46
C PHE A 373 -7.36 13.57 29.66
N GLY A 374 -7.05 14.23 30.77
CA GLY A 374 -6.66 13.51 31.97
C GLY A 374 -5.55 12.52 31.67
N GLU A 375 -5.75 11.26 32.05
CA GLU A 375 -4.75 10.24 31.80
C GLU A 375 -5.14 9.32 30.65
N ALA A 376 -6.12 9.75 29.87
CA ALA A 376 -6.58 8.99 28.72
C ALA A 376 -5.48 9.02 27.66
N ILE A 377 -5.29 7.91 26.97
CA ILE A 377 -4.25 7.83 25.95
C ILE A 377 -4.71 8.43 24.63
N PRO A 378 -3.97 9.44 24.12
CA PRO A 378 -4.35 10.05 22.85
C PRO A 378 -3.74 9.16 21.74
N PRO A 379 -4.57 8.57 20.87
CA PRO A 379 -4.00 7.72 19.82
C PRO A 379 -2.82 8.39 19.09
N GLN A 380 -2.99 9.66 18.74
CA GLN A 380 -1.95 10.41 18.06
C GLN A 380 -0.64 10.34 18.85
N TYR A 381 -0.75 10.55 20.16
CA TYR A 381 0.42 10.51 21.04
C TYR A 381 1.10 9.15 21.03
N ALA A 382 0.30 8.09 21.08
CA ALA A 382 0.84 6.74 21.07
C ALA A 382 1.72 6.53 19.84
N ILE A 383 1.18 6.90 18.68
CA ILE A 383 1.90 6.76 17.42
C ILE A 383 3.16 7.62 17.48
N LYS A 384 3.04 8.82 18.04
CA LYS A 384 4.17 9.72 18.16
C LYS A 384 5.26 9.06 19.00
N VAL A 385 4.85 8.36 20.05
CA VAL A 385 5.78 7.66 20.93
C VAL A 385 6.43 6.51 20.19
N LEU A 386 5.63 5.79 19.40
CA LEU A 386 6.14 4.66 18.62
C LEU A 386 7.23 5.17 17.69
N ASP A 387 6.95 6.31 17.07
CA ASP A 387 7.90 6.93 16.15
C ASP A 387 9.20 7.19 16.87
N GLU A 388 9.10 7.81 18.05
CA GLU A 388 10.28 8.15 18.84
C GLU A 388 11.11 6.92 19.22
N LEU A 389 10.47 5.95 19.88
CA LEU A 389 11.19 4.76 20.30
C LEU A 389 11.72 3.89 19.16
N THR A 390 11.20 4.05 17.95
CA THR A 390 11.68 3.27 16.82
C THR A 390 12.54 4.14 15.91
N ASP A 391 12.69 5.40 16.28
CA ASP A 391 13.49 6.34 15.51
C ASP A 391 13.01 6.39 14.07
N GLY A 392 11.69 6.36 13.89
CA GLY A 392 11.08 6.42 12.57
C GLY A 392 11.68 5.48 11.56
N LYS A 393 12.22 4.37 12.01
CA LYS A 393 12.84 3.40 11.11
C LYS A 393 12.04 2.11 10.98
N ALA A 394 10.83 2.10 11.53
CA ALA A 394 9.99 0.91 11.47
C ALA A 394 9.10 0.84 10.25
N ILE A 395 8.76 -0.38 9.84
CA ILE A 395 7.86 -0.55 8.72
C ILE A 395 6.49 -0.59 9.39
N ILE A 396 5.60 0.28 8.93
CA ILE A 396 4.26 0.39 9.48
C ILE A 396 3.17 -0.04 8.51
N SER A 397 2.35 -1.01 8.92
CA SER A 397 1.22 -1.44 8.12
C SER A 397 0.03 -1.02 8.97
N THR A 398 -1.13 -0.81 8.35
CA THR A 398 -2.29 -0.38 9.12
C THR A 398 -3.61 -0.92 8.60
N GLY A 399 -4.66 -0.67 9.37
CA GLY A 399 -5.97 -1.07 8.96
C GLY A 399 -6.52 0.15 8.26
N VAL A 400 -7.83 0.29 8.22
CA VAL A 400 -8.45 1.43 7.57
C VAL A 400 -9.33 2.17 8.58
N GLY A 401 -9.28 3.50 8.53
CA GLY A 401 -10.08 4.29 9.45
C GLY A 401 -9.28 5.40 10.10
N GLN A 402 -9.73 5.84 11.28
CA GLN A 402 -9.07 6.92 12.00
C GLN A 402 -7.63 6.59 12.34
N HIS A 403 -7.40 5.41 12.91
CA HIS A 403 -6.04 5.03 13.28
C HIS A 403 -5.12 5.10 12.08
N GLN A 404 -5.64 4.71 10.91
CA GLN A 404 -4.88 4.75 9.68
C GLN A 404 -4.47 6.18 9.40
N MET A 405 -5.43 7.10 9.49
CA MET A 405 -5.12 8.51 9.26
C MET A 405 -4.08 9.00 10.27
N TRP A 406 -4.25 8.65 11.54
CA TRP A 406 -3.27 9.09 12.52
C TRP A 406 -1.91 8.47 12.26
N ALA A 407 -1.87 7.20 11.88
CA ALA A 407 -0.60 6.53 11.58
C ALA A 407 0.09 7.28 10.44
N ALA A 408 -0.70 7.88 9.55
CA ALA A 408 -0.14 8.63 8.45
C ALA A 408 0.31 10.02 8.91
N GLN A 409 -0.52 10.67 9.74
CA GLN A 409 -0.23 12.00 10.24
C GLN A 409 0.89 12.09 11.28
N PHE A 410 0.86 11.22 12.28
CA PHE A 410 1.84 11.31 13.35
C PHE A 410 3.04 10.40 13.39
N TYR A 411 3.54 10.02 12.23
CA TYR A 411 4.74 9.20 12.16
C TYR A 411 5.53 9.73 10.98
N ASN A 412 6.84 9.86 11.16
CA ASN A 412 7.71 10.37 10.10
C ASN A 412 8.45 9.27 9.39
N TYR A 413 8.02 8.99 8.17
CA TYR A 413 8.65 7.95 7.38
C TYR A 413 9.89 8.52 6.70
N LYS A 414 11.02 7.86 6.93
CA LYS A 414 12.29 8.31 6.38
C LYS A 414 12.40 7.92 4.91
N LYS A 415 11.95 6.72 4.59
CA LYS A 415 12.02 6.21 3.22
C LYS A 415 10.71 5.53 2.76
N PRO A 416 10.57 5.33 1.44
CA PRO A 416 9.35 4.68 0.93
C PRO A 416 9.39 3.19 1.28
N ARG A 417 8.26 2.52 1.14
CA ARG A 417 8.15 1.08 1.43
C ARG A 417 8.25 0.80 2.93
N GLN A 418 7.97 1.84 3.71
CA GLN A 418 7.97 1.78 5.17
C GLN A 418 6.50 1.90 5.56
N TRP A 419 5.72 2.51 4.68
CA TRP A 419 4.30 2.73 4.85
C TRP A 419 3.50 1.75 3.98
N LEU A 420 2.79 0.84 4.63
CA LEU A 420 1.99 -0.17 3.94
C LEU A 420 0.54 0.02 4.36
N SER A 421 -0.24 0.68 3.51
CA SER A 421 -1.63 0.94 3.84
C SER A 421 -2.52 0.88 2.60
N SER A 422 -3.73 0.34 2.77
CA SER A 422 -4.70 0.23 1.68
C SER A 422 -5.35 1.60 1.47
N GLY A 423 -4.94 2.30 0.43
CA GLY A 423 -5.47 3.63 0.15
C GLY A 423 -6.64 3.75 -0.83
N GLY A 424 -6.54 3.11 -1.98
CA GLY A 424 -7.59 3.20 -2.98
C GLY A 424 -8.89 2.50 -2.61
N LEU A 425 -8.79 1.21 -2.28
CA LEU A 425 -9.94 0.42 -1.91
C LEU A 425 -10.25 0.65 -0.42
N GLY A 426 -9.21 0.87 0.36
CA GLY A 426 -9.37 1.09 1.79
C GLY A 426 -10.00 -0.13 2.47
N ALA A 427 -9.38 -1.29 2.27
CA ALA A 427 -9.90 -2.54 2.83
C ALA A 427 -9.46 -2.80 4.27
N MET A 428 -10.44 -3.06 5.13
CA MET A 428 -10.15 -3.37 6.53
C MET A 428 -9.54 -4.77 6.64
N GLY A 429 -8.79 -5.01 7.71
CA GLY A 429 -8.19 -6.32 7.90
C GLY A 429 -6.89 -6.51 7.13
N PHE A 430 -6.42 -5.42 6.53
CA PHE A 430 -5.19 -5.42 5.74
C PHE A 430 -3.90 -5.40 6.58
N GLY A 431 -3.93 -4.60 7.65
CA GLY A 431 -2.79 -4.42 8.53
C GLY A 431 -2.01 -5.62 9.05
N LEU A 432 -2.69 -6.57 9.68
CA LEU A 432 -2.00 -7.73 10.23
C LEU A 432 -1.34 -8.61 9.15
N PRO A 433 -2.09 -9.01 8.11
CA PRO A 433 -1.49 -9.86 7.06
C PRO A 433 -0.36 -9.13 6.33
N ALA A 434 -0.56 -7.84 6.08
CA ALA A 434 0.43 -7.03 5.39
C ALA A 434 1.73 -7.04 6.16
N ALA A 435 1.62 -6.96 7.48
CA ALA A 435 2.78 -6.97 8.36
C ALA A 435 3.52 -8.29 8.23
N ILE A 436 2.75 -9.38 8.12
CA ILE A 436 3.34 -10.71 7.96
C ILE A 436 4.23 -10.74 6.72
N GLY A 437 3.70 -10.26 5.60
CA GLY A 437 4.47 -10.24 4.37
C GLY A 437 5.68 -9.33 4.45
N ALA A 438 5.50 -8.17 5.06
CA ALA A 438 6.59 -7.20 5.21
C ALA A 438 7.72 -7.79 6.06
N SER A 439 7.35 -8.50 7.12
CA SER A 439 8.34 -9.11 8.01
C SER A 439 9.13 -10.19 7.29
N VAL A 440 8.45 -11.01 6.49
CA VAL A 440 9.13 -12.07 5.77
C VAL A 440 10.09 -11.45 4.74
N ALA A 441 9.66 -10.34 4.14
CA ALA A 441 10.48 -9.67 3.15
C ALA A 441 11.60 -8.88 3.80
N ASN A 442 11.42 -8.53 5.07
CA ASN A 442 12.41 -7.74 5.81
C ASN A 442 12.61 -8.33 7.21
N PRO A 443 13.26 -9.49 7.30
CA PRO A 443 13.54 -10.21 8.54
C PRO A 443 14.23 -9.41 9.64
N ASP A 444 15.02 -8.41 9.27
CA ASP A 444 15.73 -7.62 10.27
C ASP A 444 15.02 -6.35 10.70
N ALA A 445 14.05 -5.91 9.91
CA ALA A 445 13.33 -4.68 10.23
C ALA A 445 12.36 -4.81 11.38
N ILE A 446 11.95 -3.66 11.90
CA ILE A 446 10.97 -3.59 12.98
C ILE A 446 9.66 -3.43 12.23
N VAL A 447 8.77 -4.40 12.40
CA VAL A 447 7.49 -4.36 11.71
C VAL A 447 6.38 -4.16 12.74
N VAL A 448 5.67 -3.04 12.62
CA VAL A 448 4.59 -2.72 13.53
C VAL A 448 3.27 -2.49 12.80
N ASP A 449 2.26 -3.25 13.17
CA ASP A 449 0.96 -3.10 12.57
C ASP A 449 0.12 -2.20 13.49
N ILE A 450 -0.11 -0.97 13.07
CA ILE A 450 -0.93 -0.03 13.82
C ILE A 450 -2.34 -0.29 13.34
N ASP A 451 -3.10 -1.05 14.13
CA ASP A 451 -4.45 -1.45 13.77
C ASP A 451 -5.57 -0.84 14.60
N GLY A 452 -6.79 -1.08 14.13
CA GLY A 452 -7.98 -0.61 14.82
C GLY A 452 -8.64 -1.87 15.35
N ASP A 453 -9.50 -1.75 16.35
CA ASP A 453 -10.13 -2.95 16.91
C ASP A 453 -11.08 -3.60 15.90
N GLY A 454 -11.66 -2.79 15.03
CA GLY A 454 -12.56 -3.34 14.02
C GLY A 454 -11.78 -4.07 12.92
N SER A 455 -10.74 -3.42 12.41
CA SER A 455 -9.92 -3.98 11.35
C SER A 455 -9.12 -5.18 11.82
N PHE A 456 -8.57 -5.09 13.03
CA PHE A 456 -7.76 -6.16 13.56
C PHE A 456 -8.51 -7.49 13.66
N ILE A 457 -9.75 -7.43 14.14
CA ILE A 457 -10.49 -8.67 14.31
C ILE A 457 -10.88 -9.39 13.02
N MET A 458 -10.99 -8.67 11.91
CA MET A 458 -11.37 -9.28 10.63
C MET A 458 -10.46 -10.42 10.17
N ASN A 459 -9.15 -10.24 10.36
CA ASN A 459 -8.21 -11.28 9.99
C ASN A 459 -7.34 -11.67 11.17
N VAL A 460 -7.96 -11.69 12.35
CA VAL A 460 -7.28 -12.04 13.58
C VAL A 460 -6.67 -13.44 13.50
N GLN A 461 -7.26 -14.30 12.68
CA GLN A 461 -6.74 -15.67 12.54
C GLN A 461 -5.30 -15.70 12.03
N GLU A 462 -4.81 -14.60 11.48
CA GLU A 462 -3.45 -14.62 10.98
C GLU A 462 -2.43 -14.59 12.12
N LEU A 463 -2.91 -14.42 13.36
CA LEU A 463 -2.04 -14.42 14.52
C LEU A 463 -1.38 -15.79 14.60
N ALA A 464 -2.15 -16.82 14.26
CA ALA A 464 -1.64 -18.18 14.24
C ALA A 464 -0.45 -18.28 13.29
N THR A 465 -0.58 -17.62 12.14
CA THR A 465 0.47 -17.61 11.12
C THR A 465 1.72 -16.94 11.70
N ILE A 466 1.54 -15.76 12.29
CA ILE A 466 2.65 -15.03 12.88
C ILE A 466 3.44 -15.87 13.87
N ARG A 467 2.73 -16.59 14.75
CA ARG A 467 3.38 -17.42 15.75
C ARG A 467 4.13 -18.59 15.12
N VAL A 468 3.41 -19.41 14.38
CA VAL A 468 3.99 -20.58 13.73
C VAL A 468 5.18 -20.24 12.83
N GLU A 469 5.12 -19.07 12.18
CA GLU A 469 6.20 -18.64 11.29
C GLU A 469 7.29 -17.91 12.07
N ASN A 470 7.04 -17.68 13.35
CA ASN A 470 7.98 -16.98 14.23
C ASN A 470 8.45 -15.63 13.66
N LEU A 471 7.50 -14.76 13.36
CA LEU A 471 7.79 -13.45 12.81
C LEU A 471 7.69 -12.40 13.92
N PRO A 472 8.70 -11.52 14.02
CA PRO A 472 8.73 -10.46 15.03
C PRO A 472 7.73 -9.34 14.75
N VAL A 473 6.49 -9.71 14.46
CA VAL A 473 5.45 -8.72 14.19
C VAL A 473 4.91 -8.08 15.46
N LYS A 474 4.97 -6.75 15.52
CA LYS A 474 4.46 -6.03 16.67
C LYS A 474 3.12 -5.44 16.28
N VAL A 475 2.15 -5.54 17.17
CA VAL A 475 0.83 -5.00 16.88
C VAL A 475 0.48 -3.89 17.86
N LEU A 476 0.39 -2.66 17.35
CA LEU A 476 0.01 -1.52 18.17
C LEU A 476 -1.47 -1.31 17.91
N LEU A 477 -2.31 -2.03 18.66
CA LEU A 477 -3.75 -1.94 18.50
C LEU A 477 -4.39 -0.73 19.19
N LEU A 478 -4.85 0.23 18.40
CA LEU A 478 -5.49 1.41 18.94
C LEU A 478 -6.96 1.07 19.13
N ASN A 479 -7.28 0.51 20.30
CA ASN A 479 -8.63 0.06 20.60
C ASN A 479 -9.55 1.19 21.09
N ASN A 480 -10.57 1.52 20.30
CA ASN A 480 -11.52 2.56 20.68
C ASN A 480 -12.96 2.01 20.73
N GLN A 481 -13.09 0.68 20.72
CA GLN A 481 -14.39 0.02 20.81
C GLN A 481 -15.41 0.37 19.73
N HIS A 482 -15.02 1.13 18.71
CA HIS A 482 -15.96 1.51 17.65
C HIS A 482 -15.36 1.43 16.25
N LEU A 483 -16.21 1.67 15.27
CA LEU A 483 -15.78 1.76 13.88
C LEU A 483 -15.60 3.27 13.78
N GLY A 484 -14.49 3.73 14.35
CA GLY A 484 -14.15 5.14 14.42
C GLY A 484 -14.49 6.07 13.28
N MET A 485 -13.91 5.81 12.11
CA MET A 485 -14.15 6.67 10.96
C MET A 485 -15.65 6.84 10.68
N VAL A 486 -16.40 5.76 10.75
CA VAL A 486 -17.84 5.87 10.51
C VAL A 486 -18.55 6.63 11.62
N MET A 487 -18.15 6.42 12.87
CA MET A 487 -18.82 7.13 13.96
C MET A 487 -18.51 8.62 13.86
N GLN A 488 -17.33 8.98 13.35
CA GLN A 488 -17.00 10.39 13.20
C GLN A 488 -17.99 11.01 12.22
N TRP A 489 -18.27 10.29 11.14
CA TRP A 489 -19.21 10.80 10.16
C TRP A 489 -20.62 10.84 10.75
N GLU A 490 -20.91 9.93 11.68
CA GLU A 490 -22.23 9.94 12.31
C GLU A 490 -22.35 11.22 13.12
N ASP A 491 -21.29 11.58 13.82
CA ASP A 491 -21.26 12.79 14.63
C ASP A 491 -21.40 14.07 13.81
N ARG A 492 -20.59 14.19 12.76
CA ARG A 492 -20.61 15.39 11.92
C ARG A 492 -21.86 15.56 11.05
N PHE A 493 -22.37 14.46 10.50
CA PHE A 493 -23.51 14.57 9.60
C PHE A 493 -24.80 13.87 9.98
N TYR A 494 -24.80 13.11 11.08
CA TYR A 494 -26.02 12.41 11.47
C TYR A 494 -26.43 12.58 12.93
N LYS A 495 -26.12 13.76 13.48
CA LYS A 495 -26.47 14.06 14.86
C LYS A 495 -26.05 12.95 15.80
N ALA A 496 -24.84 12.45 15.59
CA ALA A 496 -24.29 11.38 16.42
C ALA A 496 -25.22 10.18 16.62
N ASN A 497 -26.12 9.93 15.66
CA ASN A 497 -27.02 8.80 15.77
C ASN A 497 -26.28 7.50 15.43
N ARG A 498 -25.84 6.78 16.45
CA ARG A 498 -25.11 5.53 16.27
C ARG A 498 -25.92 4.50 15.49
N ALA A 499 -25.33 3.97 14.42
CA ALA A 499 -25.99 2.96 13.60
C ALA A 499 -25.03 1.78 13.37
N HIS A 500 -25.03 0.85 14.31
CA HIS A 500 -24.20 -0.35 14.23
C HIS A 500 -22.70 -0.06 14.18
N THR A 501 -22.25 1.01 14.84
CA THR A 501 -20.84 1.33 14.84
C THR A 501 -20.09 0.95 16.12
N PHE A 502 -20.83 0.51 17.14
CA PHE A 502 -20.22 0.09 18.40
C PHE A 502 -19.79 -1.38 18.30
N LEU A 503 -18.51 -1.64 18.54
CA LEU A 503 -17.97 -3.00 18.43
C LEU A 503 -17.90 -3.77 19.75
N GLY A 504 -18.22 -3.09 20.86
CA GLY A 504 -18.18 -3.74 22.16
C GLY A 504 -19.47 -4.46 22.49
N ASP A 505 -19.60 -4.92 23.73
CA ASP A 505 -20.80 -5.62 24.16
C ASP A 505 -21.75 -4.67 24.89
N PRO A 506 -22.99 -4.51 24.37
CA PRO A 506 -23.99 -3.63 24.97
C PRO A 506 -24.38 -4.07 26.38
N ALA A 507 -24.18 -5.35 26.69
CA ALA A 507 -24.50 -5.90 28.00
C ALA A 507 -23.55 -5.36 29.07
N GLN A 508 -22.33 -5.03 28.65
CA GLN A 508 -21.32 -4.51 29.58
C GLN A 508 -20.66 -3.31 28.90
N GLU A 509 -21.47 -2.31 28.56
CA GLU A 509 -21.01 -1.11 27.87
C GLU A 509 -19.61 -0.61 28.26
N ASP A 510 -19.23 -0.74 29.53
CA ASP A 510 -17.93 -0.25 29.98
C ASP A 510 -16.77 -1.23 29.93
N GLU A 511 -17.07 -2.48 29.57
CA GLU A 511 -16.04 -3.51 29.46
C GLU A 511 -15.46 -3.55 28.06
N ILE A 512 -14.13 -3.61 27.97
CA ILE A 512 -13.50 -3.67 26.65
C ILE A 512 -13.80 -5.03 26.05
N PHE A 513 -14.49 -5.03 24.91
CA PHE A 513 -14.86 -6.26 24.23
C PHE A 513 -14.56 -6.21 22.74
N PRO A 514 -13.92 -7.27 22.21
CA PRO A 514 -13.50 -8.44 22.96
C PRO A 514 -12.19 -8.17 23.68
N ASN A 515 -11.64 -9.21 24.30
CA ASN A 515 -10.38 -9.11 25.00
C ASN A 515 -9.28 -9.56 24.02
N MET A 516 -8.77 -8.61 23.25
CA MET A 516 -7.74 -8.92 22.27
C MET A 516 -6.53 -9.65 22.84
N LEU A 517 -6.25 -9.45 24.12
CA LEU A 517 -5.11 -10.10 24.76
C LEU A 517 -5.25 -11.62 24.69
N LEU A 518 -6.48 -12.11 24.81
CA LEU A 518 -6.74 -13.54 24.74
C LEU A 518 -6.61 -14.13 23.33
N PHE A 519 -6.80 -13.29 22.31
CA PHE A 519 -6.64 -13.77 20.94
C PHE A 519 -5.16 -14.04 20.78
N ALA A 520 -4.36 -13.14 21.35
CA ALA A 520 -2.91 -13.27 21.31
C ALA A 520 -2.50 -14.52 22.08
N ALA A 521 -3.04 -14.66 23.28
CA ALA A 521 -2.75 -15.79 24.14
C ALA A 521 -3.05 -17.11 23.44
N ALA A 522 -4.18 -17.15 22.74
CA ALA A 522 -4.59 -18.35 22.01
C ALA A 522 -3.51 -18.81 21.02
N CYS A 523 -2.80 -17.86 20.44
CA CYS A 523 -1.76 -18.18 19.47
C CYS A 523 -0.38 -18.03 20.09
N GLY A 524 -0.33 -18.11 21.42
CA GLY A 524 0.92 -18.01 22.14
C GLY A 524 1.75 -16.77 21.84
N ILE A 525 1.09 -15.63 21.73
CA ILE A 525 1.79 -14.39 21.45
C ILE A 525 1.65 -13.49 22.67
N PRO A 526 2.79 -13.11 23.28
CA PRO A 526 2.76 -12.24 24.46
C PRO A 526 2.01 -10.94 24.16
N ALA A 527 1.20 -10.51 25.11
CA ALA A 527 0.41 -9.30 24.94
C ALA A 527 0.18 -8.57 26.25
N ALA A 528 -0.13 -7.29 26.16
CA ALA A 528 -0.40 -6.47 27.33
C ALA A 528 -1.30 -5.31 26.95
N ARG A 529 -2.08 -4.82 27.91
CA ARG A 529 -2.98 -3.70 27.70
C ARG A 529 -2.48 -2.42 28.39
N VAL A 530 -2.80 -1.27 27.82
CA VAL A 530 -2.41 0.03 28.36
C VAL A 530 -3.62 0.94 28.39
N THR A 531 -3.82 1.66 29.50
CA THR A 531 -4.98 2.54 29.61
C THR A 531 -4.58 3.94 30.05
N LYS A 532 -3.47 4.03 30.78
CA LYS A 532 -2.98 5.30 31.27
C LYS A 532 -1.81 5.82 30.43
N LYS A 533 -1.96 7.05 29.95
CA LYS A 533 -0.95 7.69 29.14
C LYS A 533 0.42 7.69 29.81
N ALA A 534 0.42 7.71 31.14
CA ALA A 534 1.65 7.74 31.92
C ALA A 534 2.56 6.54 31.70
N ASP A 535 1.98 5.35 31.60
CA ASP A 535 2.78 4.16 31.39
C ASP A 535 2.71 3.57 29.99
N LEU A 536 2.45 4.46 29.02
CA LEU A 536 2.35 4.08 27.61
C LEU A 536 3.75 3.92 27.00
N ARG A 537 4.63 4.84 27.34
CA ARG A 537 5.99 4.83 26.85
C ARG A 537 6.73 3.55 27.25
N GLU A 538 6.52 3.11 28.48
CA GLU A 538 7.17 1.90 28.99
C GLU A 538 6.57 0.69 28.29
N ALA A 539 5.26 0.74 28.08
CA ALA A 539 4.53 -0.34 27.42
C ALA A 539 5.07 -0.57 26.02
N ILE A 540 5.05 0.49 25.20
CA ILE A 540 5.54 0.37 23.85
C ILE A 540 6.98 -0.13 23.85
N GLN A 541 7.79 0.39 24.76
CA GLN A 541 9.19 -0.02 24.82
C GLN A 541 9.29 -1.52 25.04
N THR A 542 8.45 -2.04 25.92
CA THR A 542 8.41 -3.46 26.23
C THR A 542 8.10 -4.24 24.96
N MET A 543 7.02 -3.84 24.30
CA MET A 543 6.61 -4.47 23.05
C MET A 543 7.78 -4.56 22.10
N LEU A 544 8.48 -3.44 21.92
CA LEU A 544 9.62 -3.41 21.02
C LEU A 544 10.75 -4.30 21.50
N ASP A 545 11.10 -4.20 22.78
CA ASP A 545 12.19 -4.99 23.35
C ASP A 545 11.93 -6.49 23.48
N THR A 546 10.68 -6.87 23.70
CA THR A 546 10.34 -8.27 23.83
C THR A 546 10.54 -8.97 22.48
N PRO A 547 11.50 -9.90 22.42
CA PRO A 547 11.79 -10.62 21.17
C PRO A 547 10.56 -11.34 20.63
N GLY A 548 10.39 -11.33 19.31
CA GLY A 548 9.26 -12.01 18.69
C GLY A 548 7.99 -11.20 18.56
N PRO A 549 6.88 -11.87 18.26
CA PRO A 549 5.56 -11.26 18.10
C PRO A 549 5.08 -10.62 19.40
N TYR A 550 4.36 -9.51 19.30
CA TYR A 550 3.86 -8.86 20.49
C TYR A 550 2.63 -8.00 20.18
N LEU A 551 1.62 -8.09 21.05
CA LEU A 551 0.40 -7.31 20.90
C LEU A 551 0.21 -6.33 22.06
N LEU A 552 0.19 -5.05 21.73
CA LEU A 552 -0.05 -4.04 22.75
C LEU A 552 -1.42 -3.44 22.50
N ASP A 553 -2.36 -3.76 23.39
CA ASP A 553 -3.72 -3.26 23.29
C ASP A 553 -3.76 -1.89 23.95
N VAL A 554 -3.85 -0.83 23.13
CA VAL A 554 -3.89 0.55 23.59
C VAL A 554 -5.32 1.08 23.62
N ILE A 555 -5.85 1.33 24.82
CA ILE A 555 -7.21 1.84 24.95
C ILE A 555 -7.27 3.35 24.76
N CYS A 556 -8.17 3.80 23.90
CA CYS A 556 -8.31 5.22 23.59
C CYS A 556 -9.75 5.71 23.72
N PRO A 557 -9.92 7.00 24.02
CA PRO A 557 -11.30 7.51 24.15
C PRO A 557 -11.86 7.57 22.72
N HIS A 558 -13.07 7.04 22.53
CA HIS A 558 -13.67 6.99 21.20
C HIS A 558 -14.15 8.31 20.59
N GLN A 559 -14.33 9.34 21.39
CA GLN A 559 -14.81 10.62 20.86
C GLN A 559 -13.79 11.38 20.01
N GLU A 560 -12.62 10.79 19.79
CA GLU A 560 -11.60 11.44 18.98
C GLU A 560 -12.02 11.57 17.51
N HIS A 561 -11.67 12.68 16.89
CA HIS A 561 -11.98 12.93 15.49
C HIS A 561 -10.72 13.27 14.73
N VAL A 562 -10.58 12.72 13.53
CA VAL A 562 -9.42 13.00 12.71
C VAL A 562 -9.59 14.40 12.14
N LEU A 563 -8.56 15.22 12.29
CA LEU A 563 -8.58 16.59 11.80
C LEU A 563 -7.20 16.92 11.24
N PRO A 564 -7.14 17.91 10.33
CA PRO A 564 -8.31 18.65 9.87
C PRO A 564 -9.12 17.81 8.90
N MET A 565 -10.19 18.37 8.36
CA MET A 565 -11.00 17.60 7.42
C MET A 565 -11.77 18.41 6.40
N ILE A 566 -11.54 18.10 5.13
CA ILE A 566 -12.25 18.78 4.07
C ILE A 566 -13.34 17.82 3.61
N PRO A 567 -14.61 18.15 3.89
CA PRO A 567 -15.72 17.27 3.49
C PRO A 567 -15.65 16.90 2.01
N SER A 568 -16.26 15.78 1.65
CA SER A 568 -16.26 15.31 0.28
C SER A 568 -16.72 16.32 -0.75
N GLY A 569 -15.96 16.44 -1.83
CA GLY A 569 -16.30 17.37 -2.90
C GLY A 569 -16.22 18.81 -2.43
N GLY A 570 -15.52 19.02 -1.31
CA GLY A 570 -15.41 20.35 -0.76
C GLY A 570 -14.24 21.16 -1.29
N THR A 571 -14.10 22.36 -0.73
CA THR A 571 -13.03 23.30 -1.09
C THR A 571 -12.14 23.48 0.12
N PHE A 572 -10.99 24.13 -0.09
CA PHE A 572 -10.08 24.39 1.00
C PHE A 572 -10.77 25.29 2.02
N ASN A 573 -11.79 26.01 1.57
CA ASN A 573 -12.51 26.92 2.44
C ASN A 573 -13.55 26.20 3.31
N ASP A 574 -13.75 24.92 3.05
CA ASP A 574 -14.70 24.12 3.81
C ASP A 574 -13.99 23.27 4.86
N VAL A 575 -12.67 23.42 4.92
CA VAL A 575 -11.87 22.66 5.86
C VAL A 575 -12.33 22.82 7.31
N ILE A 576 -12.55 21.69 7.97
CA ILE A 576 -12.97 21.69 9.37
C ILE A 576 -11.69 21.57 10.19
N THR A 577 -11.47 22.52 11.09
CA THR A 577 -10.25 22.50 11.90
C THR A 577 -10.46 22.15 13.37
N GLU A 578 -11.71 21.90 13.78
CA GLU A 578 -11.95 21.57 15.17
C GLU A 578 -13.25 20.84 15.46
N GLY A 579 -13.27 20.15 16.59
CA GLY A 579 -14.43 19.41 17.02
C GLY A 579 -14.15 17.93 17.25
N ASP A 580 -15.06 17.28 17.96
CA ASP A 580 -14.96 15.85 18.25
C ASP A 580 -16.34 15.32 18.65
N GLY A 581 -16.39 14.10 19.16
CA GLY A 581 -17.66 13.53 19.55
C GLY A 581 -17.97 13.67 21.03
N ARG A 582 -17.81 14.88 21.56
CA ARG A 582 -18.08 15.13 22.97
C ARG A 582 -19.22 16.13 23.13
MG MG B . -12.08 1.29 16.09
C4 1SM C . -16.23 10.37 -4.10
C5 1SM C . -15.75 8.96 -4.33
C6 1SM C . -16.32 7.85 -3.50
C1 1SM C . -17.35 8.12 -2.41
C2 1SM C . -17.79 9.54 -2.20
C3 1SM C . -17.22 10.67 -3.04
S7 1SM C . -18.97 10.28 -1.03
N8 1SM C . -18.84 9.48 0.51
C9 1SM C . -17.70 9.41 1.21
N10 1SM C . -17.70 8.81 2.40
C2' 1SM C . -16.92 8.48 3.42
N1' 1SM C . -15.58 8.84 3.28
C6' 1SM C . -14.66 8.56 4.28
C5' 1SM C . -15.05 7.86 5.56
C4' 1SM C . -16.51 7.52 5.61
N3' 1SM C . -17.42 7.83 4.55
O7A 1SM C . -18.55 11.80 -0.78
O7B 1SM C . -20.40 9.96 -1.35
O9 1SM C . -16.66 9.94 0.76
C11 1SM C . -18.01 7.13 -1.49
O12 1SM C . -17.26 6.69 -0.35
C13 1SM C . -16.99 5.27 -0.29
O11 1SM C . -19.16 6.76 -1.73
C8' 1SM C . -17.01 6.87 6.74
C7' 1SM C . -13.35 8.91 4.12
C3' NHE D . -2.25 -5.34 -20.33
C2' NHE D . -2.08 -6.67 -20.96
C1' NHE D . -3.23 -6.89 -22.03
C6' NHE D . -4.61 -6.86 -21.27
N NHE D . -3.04 -8.08 -22.91
C1 NHE D . -2.31 -7.61 -24.06
C2 NHE D . -1.97 -8.55 -25.12
S NHE D . -1.11 -7.44 -26.23
O1 NHE D . 0.23 -6.76 -25.57
O2 NHE D . -0.64 -8.26 -27.54
O3 NHE D . -2.11 -6.18 -26.59
C5' NHE D . -4.75 -5.43 -20.65
C4' NHE D . -3.54 -5.15 -19.65
C6 P22 E . -14.04 1.62 10.27
C7 P22 E . -12.75 1.25 10.96
O7 P22 E . -12.86 0.89 12.26
PA P22 E . -11.49 0.49 13.07
O1A P22 E . -10.83 -0.70 12.47
O2A P22 E . -11.86 0.14 14.48
O3A P22 E . -10.42 1.70 13.08
PB P22 E . -10.91 3.17 13.48
O1B P22 E . -11.53 3.86 12.31
O2B P22 E . -11.87 3.12 14.62
O3B P22 E . -9.70 3.93 13.90
PA FAD F . -1.56 5.79 -6.47
O1A FAD F . -0.65 4.68 -6.11
O2A FAD F . -2.98 5.65 -6.31
O5B FAD F . -1.38 6.26 -7.88
C5B FAD F . -0.02 6.42 -8.40
C4B FAD F . -0.09 6.98 -9.79
O4B FAD F . 1.26 7.07 -10.19
C3B FAD F . -0.83 6.27 -11.01
O3B FAD F . -1.56 7.12 -11.86
C2B FAD F . 0.29 5.48 -11.62
O2B FAD F . 0.13 4.77 -12.79
C1B FAD F . 1.41 6.53 -11.49
N9A FAD F . 2.85 6.01 -11.57
C8A FAD F . 3.20 4.68 -11.02
N7A FAD F . 4.45 4.34 -11.14
C5A FAD F . 5.03 5.38 -11.79
C6A FAD F . 6.44 5.77 -12.32
N6A FAD F . 7.47 4.96 -12.16
N1A FAD F . 6.62 7.05 -13.00
C2A FAD F . 5.53 7.97 -13.19
N3A FAD F . 4.22 7.71 -12.75
C4A FAD F . 4.01 6.42 -12.06
N1 FAD F . -5.14 10.26 0.31
C2 FAD F . -4.65 11.48 0.45
O2 FAD F . -3.66 11.77 -0.21
N3 FAD F . -5.19 12.37 1.39
C4 FAD F . -6.24 12.01 2.27
O4 FAD F . -6.79 12.82 3.04
C4X FAD F . -6.72 10.62 2.18
N5 FAD F . -7.70 10.18 3.04
C5X FAD F . -8.10 8.87 2.96
C6 FAD F . -8.99 8.38 3.97
C7 FAD F . -9.29 7.00 4.06
C7M FAD F . -10.08 6.52 5.25
C8 FAD F . -8.74 6.07 3.06
C8M FAD F . -8.92 4.55 3.13
C9 FAD F . -7.94 6.57 1.99
C9A FAD F . -7.55 7.94 1.94
N10 FAD F . -6.64 8.47 0.98
C10 FAD F . -6.14 9.78 1.13
C1' FAD F . -5.91 7.54 0.01
C2' FAD F . -6.59 7.77 -1.28
O2' FAD F . -7.77 6.96 -1.44
C3' FAD F . -5.77 7.45 -2.55
O3' FAD F . -5.34 6.00 -2.38
C4' FAD F . -4.41 8.21 -2.73
O4' FAD F . -4.76 9.70 -2.66
C5' FAD F . -3.85 7.88 -4.04
O5' FAD F . -2.61 8.62 -4.14
P FAD F . -1.69 8.52 -5.39
O1P FAD F . -2.53 8.96 -6.55
O2P FAD F . -0.59 9.39 -5.13
O3P FAD F . -1.11 7.03 -5.55
#